data_5L0L
#
_entry.id   5L0L
#
_cell.length_a   129.688
_cell.length_b   129.688
_cell.length_c   117.143
_cell.angle_alpha   90.000
_cell.angle_beta   90.000
_cell.angle_gamma   120.000
#
_symmetry.space_group_name_H-M   'P 62 2 2'
#
loop_
_entity.id
_entity.type
_entity.pdbx_description
1 polymer 'Uncharacterized protein'
2 non-polymer 'SULFATE ION'
3 non-polymer 'CHLORIDE ION'
4 water water
#
_entity_poly.entity_id   1
_entity_poly.type   'polypeptide(L)'
_entity_poly.pdbx_seq_one_letter_code
;GKKEFLKHEYSPGHWSIDYTRAGTSIAVITVRNKYHYSVILNPTDCRGYRIIIRYLNEGDSTLSSAFNRPYTVSEQRGLN
DVASL(MSE)TQVYEKLGLIVQFSQLGNNSQSFDKGTGVTLIGSEEEPS(MSE)LHLH(MSE)WGRGDPD(MSE)EYIAG
VPLRGPEPGL(MSE)FDLIAKNKTHPINQHAIKWNEEELKACLA(MSE)FKLKLAEYVNSPEFTEEFGDTLKVTIHDKK
;
_entity_poly.pdbx_strand_id   A,B
#
# COMPACT_ATOMS: atom_id res chain seq x y z
N GLY A 1 19.02 16.30 -12.36
CA GLY A 1 19.28 14.82 -12.21
C GLY A 1 19.39 14.29 -10.78
N LYS A 2 18.39 14.58 -9.95
CA LYS A 2 18.40 14.16 -8.55
C LYS A 2 18.03 12.68 -8.42
N LYS A 3 17.16 12.18 -9.30
CA LYS A 3 16.75 10.76 -9.31
C LYS A 3 17.27 10.04 -10.55
N GLU A 4 18.07 8.98 -10.39
CA GLU A 4 18.68 8.26 -11.51
C GLU A 4 18.33 6.78 -11.45
N PHE A 5 18.26 6.17 -12.63
CA PHE A 5 18.00 4.74 -12.76
C PHE A 5 19.24 3.99 -13.18
N LEU A 6 19.56 2.91 -12.46
CA LEU A 6 20.66 2.04 -12.83
C LEU A 6 20.45 1.44 -14.22
N LYS A 7 21.52 1.42 -15.01
CA LYS A 7 21.53 0.68 -16.29
C LYS A 7 22.38 -0.54 -16.06
N HIS A 8 21.78 -1.71 -16.22
CA HIS A 8 22.41 -2.98 -15.86
C HIS A 8 21.71 -4.20 -16.51
N GLU A 9 22.52 -5.22 -16.83
CA GLU A 9 22.07 -6.45 -17.48
C GLU A 9 22.06 -7.57 -16.42
N TYR A 10 20.87 -8.13 -16.16
CA TYR A 10 20.72 -9.22 -15.17
C TYR A 10 20.64 -10.57 -15.90
N SER A 11 21.27 -11.61 -15.35
CA SER A 11 21.19 -12.97 -15.94
C SER A 11 19.75 -13.47 -16.02
N PRO A 12 19.44 -14.33 -17.03
CA PRO A 12 18.08 -14.90 -17.08
C PRO A 12 17.73 -15.81 -15.89
N GLY A 13 18.75 -16.44 -15.29
CA GLY A 13 18.61 -17.22 -14.05
C GLY A 13 18.63 -16.45 -12.72
N HIS A 14 18.86 -15.13 -12.77
CA HIS A 14 18.67 -14.28 -11.60
C HIS A 14 17.22 -14.43 -11.11
N TRP A 15 17.05 -14.57 -9.80
CA TRP A 15 15.73 -14.82 -9.16
C TRP A 15 14.61 -13.83 -9.58
N SER A 16 14.99 -12.59 -9.93
CA SER A 16 14.05 -11.57 -10.43
C SER A 16 13.36 -11.93 -11.75
N ILE A 17 14.02 -12.76 -12.57
CA ILE A 17 13.49 -13.18 -13.85
C ILE A 17 12.93 -14.59 -13.70
N ASP A 18 13.75 -15.51 -13.13
CA ASP A 18 13.31 -16.89 -12.85
C ASP A 18 12.58 -16.90 -11.50
N TYR A 19 11.48 -16.17 -11.45
CA TYR A 19 10.81 -15.88 -10.17
C TYR A 19 10.09 -17.06 -9.53
N THR A 20 9.78 -18.09 -10.34
CA THR A 20 9.04 -19.28 -9.82
C THR A 20 9.95 -20.33 -9.19
N ARG A 21 11.27 -20.22 -9.40
CA ARG A 21 12.23 -21.24 -8.93
C ARG A 21 12.25 -21.42 -7.42
N ALA A 22 11.98 -20.36 -6.67
CA ALA A 22 11.84 -20.46 -5.21
C ALA A 22 10.70 -21.38 -4.76
N GLY A 23 9.74 -21.67 -5.67
CA GLY A 23 8.66 -22.62 -5.42
C GLY A 23 7.54 -22.03 -4.61
N THR A 24 7.30 -20.72 -4.77
CA THR A 24 6.29 -20.06 -3.93
C THR A 24 5.19 -19.36 -4.74
N SER A 25 5.09 -19.65 -6.03
CA SER A 25 4.11 -18.94 -6.85
C SER A 25 2.66 -19.42 -6.59
N ILE A 26 1.78 -18.45 -6.39
CA ILE A 26 0.35 -18.67 -6.24
C ILE A 26 -0.35 -18.54 -7.60
N ALA A 27 -0.09 -17.44 -8.29
CA ALA A 27 -0.85 -17.14 -9.54
C ALA A 27 -0.19 -16.09 -10.39
N VAL A 28 -0.61 -16.05 -11.67
CA VAL A 28 -0.39 -14.91 -12.53
C VAL A 28 -1.74 -14.28 -12.84
N ILE A 29 -1.78 -12.95 -12.79
CA ILE A 29 -3.01 -12.17 -12.95
C ILE A 29 -2.77 -11.11 -14.02
N THR A 30 -3.64 -11.09 -15.04
CA THR A 30 -3.54 -10.15 -16.16
C THR A 30 -4.65 -9.11 -16.04
N VAL A 31 -4.27 -7.85 -16.16
CA VAL A 31 -5.17 -6.72 -15.98
C VAL A 31 -5.44 -6.08 -17.36
N ARG A 32 -6.74 -6.01 -17.73
CA ARG A 32 -7.22 -5.32 -18.95
C ARG A 32 -6.54 -5.90 -20.18
N ASN A 33 -6.42 -7.23 -20.17
CA ASN A 33 -5.78 -8.02 -21.22
C ASN A 33 -4.39 -7.59 -21.69
N LYS A 34 -3.62 -6.98 -20.81
CA LYS A 34 -2.38 -6.34 -21.20
C LYS A 34 -1.27 -6.37 -20.14
N TYR A 35 -1.60 -6.04 -18.90
CA TYR A 35 -0.56 -5.93 -17.85
C TYR A 35 -0.54 -7.20 -17.02
N HIS A 36 0.63 -7.83 -16.93
CA HIS A 36 0.76 -9.15 -16.29
C HIS A 36 1.47 -9.00 -14.94
N TYR A 37 0.92 -9.63 -13.91
CA TYR A 37 1.44 -9.55 -12.52
C TYR A 37 1.56 -10.95 -11.91
N SER A 38 2.59 -11.18 -11.10
CA SER A 38 2.75 -12.41 -10.33
C SER A 38 2.39 -12.18 -8.87
N VAL A 39 1.79 -13.18 -8.26
CA VAL A 39 1.50 -13.22 -6.85
C VAL A 39 2.22 -14.43 -6.29
N ILE A 40 3.17 -14.23 -5.36
CA ILE A 40 3.93 -15.34 -4.77
C ILE A 40 3.98 -15.17 -3.25
N LEU A 41 4.11 -16.27 -2.52
CA LEU A 41 4.47 -16.15 -1.10
C LEU A 41 5.93 -15.68 -1.02
N ASN A 42 6.21 -14.81 -0.06
CA ASN A 42 7.57 -14.29 0.12
C ASN A 42 8.51 -15.46 0.48
N PRO A 43 9.53 -15.73 -0.35
CA PRO A 43 10.36 -16.92 -0.09
C PRO A 43 11.24 -16.82 1.14
N THR A 44 11.47 -15.61 1.65
CA THR A 44 12.39 -15.42 2.79
C THR A 44 11.75 -15.03 4.11
N ASP A 45 10.43 -14.81 4.14
CA ASP A 45 9.77 -14.41 5.35
C ASP A 45 8.32 -14.91 5.33
N CYS A 46 8.03 -15.87 6.22
CA CYS A 46 6.70 -16.45 6.35
C CYS A 46 5.78 -15.71 7.27
N ARG A 47 6.30 -14.74 8.03
CA ARG A 47 5.45 -14.02 8.98
C ARG A 47 4.27 -13.33 8.28
N GLY A 48 3.10 -13.44 8.90
CA GLY A 48 1.88 -12.85 8.37
C GLY A 48 1.41 -13.43 7.03
N TYR A 49 1.92 -14.59 6.66
CA TYR A 49 1.72 -15.18 5.34
C TYR A 49 2.02 -14.15 4.23
N ARG A 50 3.14 -13.43 4.36
CA ARG A 50 3.48 -12.38 3.40
C ARG A 50 3.43 -12.87 1.96
N ILE A 51 2.83 -12.07 1.09
CA ILE A 51 2.95 -12.25 -0.35
C ILE A 51 3.66 -11.05 -0.99
N ILE A 52 4.20 -11.27 -2.18
CA ILE A 52 4.72 -10.20 -3.04
C ILE A 52 3.86 -10.21 -4.31
N ILE A 53 3.38 -9.04 -4.68
CA ILE A 53 2.65 -8.85 -5.90
C ILE A 53 3.57 -8.01 -6.77
N ARG A 54 3.92 -8.56 -7.94
CA ARG A 54 4.96 -7.99 -8.77
C ARG A 54 4.51 -7.84 -10.22
N TYR A 55 4.85 -6.69 -10.81
CA TYR A 55 4.54 -6.43 -12.22
C TYR A 55 5.61 -7.12 -13.04
N LEU A 56 5.18 -8.04 -13.91
CA LEU A 56 6.09 -8.78 -14.78
C LEU A 56 6.40 -7.98 -16.05
N ASN A 57 5.37 -7.67 -16.81
CA ASN A 57 5.54 -7.05 -18.12
C ASN A 57 4.20 -6.69 -18.73
N GLU A 58 4.26 -5.99 -19.86
CA GLU A 58 3.10 -5.59 -20.64
C GLU A 58 3.19 -6.31 -21.99
N GLY A 59 2.06 -6.81 -22.49
CA GLY A 59 2.01 -7.44 -23.82
C GLY A 59 3.03 -8.56 -23.91
N ASP A 60 3.93 -8.46 -24.88
CA ASP A 60 5.04 -9.42 -25.09
C ASP A 60 6.41 -8.87 -24.72
N SER A 61 6.47 -7.76 -23.98
CA SER A 61 7.75 -7.17 -23.59
C SER A 61 8.50 -8.11 -22.67
N THR A 62 9.81 -7.93 -22.56
CA THR A 62 10.61 -8.74 -21.67
C THR A 62 10.38 -8.32 -20.22
N LEU A 63 10.68 -9.22 -19.29
CA LEU A 63 10.63 -8.88 -17.87
C LEU A 63 11.66 -7.79 -17.58
N SER A 64 12.83 -7.88 -18.21
CA SER A 64 13.91 -6.86 -18.06
C SER A 64 13.50 -5.46 -18.44
N SER A 65 12.66 -5.33 -19.46
CA SER A 65 12.24 -4.01 -19.90
C SER A 65 11.41 -3.30 -18.82
N ALA A 66 10.88 -4.06 -17.85
CA ALA A 66 10.14 -3.48 -16.71
C ALA A 66 10.98 -3.27 -15.44
N PHE A 67 12.32 -3.33 -15.56
CA PHE A 67 13.23 -3.01 -14.47
C PHE A 67 13.74 -1.60 -14.58
N ASN A 68 14.03 -0.99 -13.43
CA ASN A 68 14.82 0.25 -13.38
C ASN A 68 14.31 1.37 -14.29
N ARG A 69 13.04 1.71 -14.13
CA ARG A 69 12.46 2.76 -14.92
C ARG A 69 11.24 3.32 -14.23
N PRO A 70 10.80 4.52 -14.63
CA PRO A 70 9.50 4.96 -14.19
C PRO A 70 8.39 4.02 -14.64
N TYR A 71 7.36 3.93 -13.82
CA TYR A 71 6.18 3.15 -14.14
C TYR A 71 5.05 4.11 -14.50
N THR A 72 4.25 3.67 -15.45
CA THR A 72 3.12 4.47 -15.92
C THR A 72 1.99 4.33 -14.94
N VAL A 73 1.05 5.26 -15.04
CA VAL A 73 -0.14 5.18 -14.22
C VAL A 73 -0.93 3.87 -14.46
N SER A 74 -0.99 3.39 -15.71
CA SER A 74 -1.68 2.10 -15.95
C SER A 74 -1.00 0.92 -15.23
N GLU A 75 0.32 0.92 -15.24
CA GLU A 75 1.09 -0.13 -14.56
C GLU A 75 0.84 -0.10 -13.06
N GLN A 76 0.92 1.10 -12.47
CA GLN A 76 0.62 1.25 -11.05
C GLN A 76 -0.83 0.88 -10.72
N ARG A 77 -1.74 1.34 -11.57
CA ARG A 77 -3.14 1.05 -11.33
C ARG A 77 -3.42 -0.46 -11.34
N GLY A 78 -2.80 -1.16 -12.28
CA GLY A 78 -2.97 -2.61 -12.38
C GLY A 78 -2.42 -3.33 -11.15
N LEU A 79 -1.26 -2.90 -10.66
CA LEU A 79 -0.69 -3.46 -9.40
C LEU A 79 -1.70 -3.30 -8.28
N ASN A 80 -2.24 -2.10 -8.16
CA ASN A 80 -3.20 -1.80 -7.11
C ASN A 80 -4.52 -2.54 -7.25
N ASP A 81 -4.95 -2.81 -8.49
CA ASP A 81 -6.14 -3.66 -8.71
C ASP A 81 -5.88 -5.10 -8.24
N VAL A 82 -4.73 -5.64 -8.61
CA VAL A 82 -4.37 -7.00 -8.17
C VAL A 82 -4.27 -7.05 -6.63
N ALA A 83 -3.71 -5.99 -6.03
CA ALA A 83 -3.73 -5.85 -4.58
C ALA A 83 -5.16 -5.88 -4.01
N SER A 84 -6.08 -5.11 -4.61
CA SER A 84 -7.48 -5.10 -4.15
C SER A 84 -8.09 -6.49 -4.17
N LEU A 85 -7.82 -7.25 -5.23
CA LEU A 85 -8.26 -8.66 -5.33
C LEU A 85 -7.69 -9.50 -4.17
N THR A 87 -6.52 -8.68 -1.29
CA THR A 87 -7.03 -8.39 0.04
C THR A 87 -8.19 -9.32 0.49
N GLN A 88 -8.99 -9.79 -0.48
CA GLN A 88 -10.12 -10.65 -0.17
C GLN A 88 -9.71 -12.04 0.28
N VAL A 89 -8.54 -12.52 -0.15
CA VAL A 89 -8.04 -13.79 0.34
C VAL A 89 -7.69 -13.68 1.84
N TYR A 90 -7.00 -12.59 2.25
CA TYR A 90 -6.71 -12.38 3.66
C TYR A 90 -8.00 -12.27 4.49
N GLU A 91 -8.97 -11.53 3.95
CA GLU A 91 -10.28 -11.36 4.61
C GLU A 91 -10.95 -12.72 4.83
N LYS A 92 -10.96 -13.58 3.81
N LYS A 92 -10.99 -13.56 3.80
CA LYS A 92 -11.58 -14.92 3.91
CA LYS A 92 -11.60 -14.89 3.91
C LYS A 92 -10.84 -15.89 4.85
C LYS A 92 -10.91 -15.74 5.01
N LEU A 93 -9.59 -15.59 5.14
CA LEU A 93 -8.82 -16.28 6.18
C LEU A 93 -9.04 -15.75 7.60
N GLY A 94 -9.77 -14.64 7.74
CA GLY A 94 -10.07 -14.06 9.02
C GLY A 94 -9.02 -13.10 9.52
N LEU A 95 -8.20 -12.58 8.60
CA LEU A 95 -7.08 -11.71 8.96
C LEU A 95 -7.35 -10.25 8.66
N ILE A 96 -6.69 -9.37 9.41
CA ILE A 96 -6.65 -7.94 9.08
C ILE A 96 -5.64 -7.82 7.93
N VAL A 97 -5.96 -7.11 6.86
CA VAL A 97 -5.00 -7.02 5.76
C VAL A 97 -4.18 -5.75 5.91
N GLN A 98 -2.89 -5.86 5.64
CA GLN A 98 -1.98 -4.71 5.53
C GLN A 98 -1.16 -4.87 4.27
N PHE A 99 -0.74 -3.75 3.69
CA PHE A 99 0.14 -3.79 2.54
C PHE A 99 1.01 -2.55 2.41
N SER A 100 2.16 -2.70 1.75
CA SER A 100 3.09 -1.57 1.53
C SER A 100 3.78 -1.70 0.19
N GLN A 101 3.84 -0.60 -0.55
CA GLN A 101 4.76 -0.45 -1.69
C GLN A 101 5.94 0.40 -1.23
N LEU A 102 7.12 -0.20 -1.22
CA LEU A 102 8.30 0.44 -0.63
C LEU A 102 9.39 0.50 -1.67
N GLY A 103 10.12 -0.60 -1.87
CA GLY A 103 11.28 -0.59 -2.76
C GLY A 103 12.60 -0.18 -2.12
N ASN A 104 12.68 -0.12 -0.79
CA ASN A 104 13.90 0.36 -0.13
C ASN A 104 15.13 -0.48 -0.48
N ASN A 105 14.91 -1.78 -0.69
CA ASN A 105 16.04 -2.67 -0.95
C ASN A 105 16.63 -2.56 -2.35
N SER A 106 16.04 -1.77 -3.23
CA SER A 106 16.60 -1.46 -4.54
C SER A 106 16.73 0.06 -4.74
N GLN A 107 16.80 0.80 -3.65
CA GLN A 107 16.97 2.27 -3.68
C GLN A 107 18.15 2.67 -2.80
N SER A 108 18.96 3.64 -3.25
CA SER A 108 20.11 4.07 -2.45
C SER A 108 20.33 5.59 -2.63
N PHE A 109 21.16 6.15 -1.78
CA PHE A 109 21.39 7.57 -1.74
C PHE A 109 22.88 7.84 -1.59
N ASP A 110 23.38 8.82 -2.35
CA ASP A 110 24.77 9.28 -2.27
C ASP A 110 24.71 10.69 -1.71
N LYS A 111 25.07 10.83 -0.44
CA LYS A 111 25.01 12.09 0.28
C LYS A 111 25.91 13.15 -0.39
N GLY A 112 27.09 12.73 -0.83
CA GLY A 112 28.02 13.63 -1.55
C GLY A 112 27.42 14.33 -2.75
N THR A 113 26.71 13.58 -3.58
CA THR A 113 26.13 14.13 -4.82
C THR A 113 24.66 14.50 -4.69
N GLY A 114 23.99 14.03 -3.65
CA GLY A 114 22.56 14.21 -3.49
C GLY A 114 21.69 13.40 -4.45
N VAL A 115 22.25 12.34 -5.04
CA VAL A 115 21.55 11.57 -6.05
C VAL A 115 20.91 10.31 -5.40
N THR A 116 19.65 10.10 -5.75
CA THR A 116 18.89 8.91 -5.38
C THR A 116 18.97 7.94 -6.57
N LEU A 117 19.50 6.74 -6.34
CA LEU A 117 19.71 5.76 -7.39
C LEU A 117 18.65 4.64 -7.26
N ILE A 118 17.99 4.32 -8.37
CA ILE A 118 16.91 3.32 -8.43
C ILE A 118 17.46 2.11 -9.17
N GLY A 119 17.59 1.00 -8.45
CA GLY A 119 18.16 -0.22 -8.96
C GLY A 119 19.52 -0.46 -8.36
N SER A 120 19.85 -1.74 -8.18
CA SER A 120 21.19 -2.15 -7.74
C SER A 120 21.62 -3.38 -8.55
N GLU A 121 22.91 -3.68 -8.47
CA GLU A 121 23.53 -4.82 -9.15
C GLU A 121 22.91 -6.12 -8.65
N GLU A 122 22.63 -6.20 -7.35
CA GLU A 122 22.06 -7.40 -6.70
C GLU A 122 20.55 -7.55 -6.90
N GLU A 123 19.86 -6.42 -7.05
CA GLU A 123 18.41 -6.44 -7.10
C GLU A 123 17.88 -5.34 -8.05
N PRO A 124 17.21 -5.73 -9.15
CA PRO A 124 16.60 -4.67 -9.96
C PRO A 124 15.46 -4.01 -9.19
N SER A 125 15.18 -2.76 -9.50
CA SER A 125 13.97 -2.12 -9.07
C SER A 125 12.83 -2.63 -9.96
N LEU A 127 8.35 -2.92 -10.13
CA LEU A 127 7.10 -2.41 -9.56
C LEU A 127 6.46 -3.57 -8.76
N HIS A 128 6.38 -3.40 -7.45
CA HIS A 128 5.92 -4.52 -6.60
C HIS A 128 5.49 -4.01 -5.26
N LEU A 129 4.63 -4.78 -4.58
CA LEU A 129 4.26 -4.44 -3.23
C LEU A 129 4.12 -5.70 -2.39
N HIS A 130 4.08 -5.48 -1.09
CA HIS A 130 4.03 -6.54 -0.07
C HIS A 130 2.67 -6.50 0.57
N TRP A 132 0.25 -8.71 3.75
CA TRP A 132 0.31 -9.72 4.82
C TRP A 132 -0.90 -9.56 5.70
N GLY A 133 -1.08 -10.50 6.61
CA GLY A 133 -2.23 -10.51 7.53
C GLY A 133 -1.80 -10.28 8.97
N ARG A 134 -2.69 -9.67 9.75
CA ARG A 134 -2.54 -9.48 11.18
C ARG A 134 -3.65 -10.19 11.96
N GLY A 135 -3.29 -10.61 13.15
CA GLY A 135 -4.17 -11.34 14.03
C GLY A 135 -3.39 -11.97 15.16
N ASP A 136 -3.93 -13.04 15.76
CA ASP A 136 -3.21 -13.72 16.82
C ASP A 136 -1.98 -14.40 16.22
N PRO A 137 -0.76 -13.96 16.58
CA PRO A 137 0.42 -14.58 15.99
C PRO A 137 0.59 -16.06 16.24
N ASP A 138 -0.01 -16.57 17.33
CA ASP A 138 0.07 -17.99 17.62
C ASP A 138 -1.06 -18.82 17.01
N GLU A 140 -3.08 -20.77 14.16
CA GLU A 140 -2.87 -21.38 12.83
C GLU A 140 -4.11 -21.15 11.98
N TYR A 141 -4.18 -19.95 11.38
CA TYR A 141 -5.30 -19.58 10.51
C TYR A 141 -5.37 -20.53 9.30
N ILE A 142 -4.21 -20.99 8.87
CA ILE A 142 -4.08 -22.14 7.95
C ILE A 142 -3.52 -23.26 8.80
N ALA A 143 -4.20 -24.43 8.83
CA ALA A 143 -3.80 -25.53 9.71
C ALA A 143 -2.32 -25.90 9.56
N GLY A 144 -1.63 -25.92 10.69
CA GLY A 144 -0.20 -26.28 10.75
C GLY A 144 0.72 -25.07 10.56
N VAL A 145 0.16 -23.87 10.33
CA VAL A 145 1.01 -22.72 10.02
C VAL A 145 0.60 -21.53 10.90
N PRO A 146 1.35 -21.28 11.99
CA PRO A 146 1.05 -20.11 12.82
C PRO A 146 1.24 -18.84 11.99
N LEU A 147 0.40 -17.86 12.22
CA LEU A 147 0.49 -16.61 11.50
C LEU A 147 1.85 -15.95 11.67
N ARG A 148 2.31 -15.88 12.92
CA ARG A 148 3.53 -15.17 13.30
C ARG A 148 3.41 -13.67 13.04
N GLY A 149 4.48 -12.92 13.25
CA GLY A 149 4.43 -11.47 13.18
C GLY A 149 4.07 -10.90 14.56
N PRO A 150 4.21 -9.57 14.73
CA PRO A 150 3.92 -8.95 16.01
C PRO A 150 2.43 -8.90 16.31
N GLU A 151 2.09 -8.81 17.59
CA GLU A 151 0.68 -8.67 17.97
C GLU A 151 0.03 -7.42 17.34
N PRO A 152 -1.26 -7.48 16.96
CA PRO A 152 -2.02 -6.32 16.45
C PRO A 152 -1.85 -5.10 17.33
N GLY A 153 -1.69 -3.96 16.68
CA GLY A 153 -1.32 -2.71 17.33
C GLY A 153 0.11 -2.30 17.10
N LEU A 154 1.00 -3.29 17.03
CA LEU A 154 2.43 -3.03 16.84
C LEU A 154 2.74 -2.96 15.35
N PHE A 156 4.44 -3.95 11.98
CA PHE A 156 5.04 -5.10 11.30
C PHE A 156 6.24 -4.60 10.49
N ASP A 157 7.44 -5.05 10.82
CA ASP A 157 8.64 -4.57 10.13
C ASP A 157 8.94 -5.50 8.97
N LEU A 158 8.88 -4.95 7.73
CA LEU A 158 9.12 -5.75 6.52
C LEU A 158 10.60 -6.09 6.29
N ILE A 159 11.49 -5.43 7.03
CA ILE A 159 12.92 -5.70 7.11
C ILE A 159 13.63 -5.05 5.93
N ALA A 160 14.30 -3.94 6.16
CA ALA A 160 15.13 -3.30 5.14
C ALA A 160 16.56 -3.88 5.25
N LYS A 161 17.21 -4.12 4.12
CA LYS A 161 18.64 -4.55 4.15
C LYS A 161 19.55 -3.51 4.78
N ASN A 162 19.29 -2.25 4.48
CA ASN A 162 20.02 -1.12 5.03
C ASN A 162 19.31 -0.63 6.31
N LYS A 163 20.02 -0.68 7.43
CA LYS A 163 19.50 -0.20 8.71
C LYS A 163 20.53 0.72 9.37
N THR A 164 20.08 1.74 10.08
CA THR A 164 20.99 2.59 10.85
C THR A 164 21.18 2.07 12.27
N HIS A 165 20.23 1.27 12.75
CA HIS A 165 20.33 0.65 14.06
C HIS A 165 19.57 -0.69 14.05
N PRO A 166 19.93 -1.58 14.99
CA PRO A 166 19.24 -2.88 15.05
C PRO A 166 17.76 -2.75 15.40
N ILE A 167 16.95 -3.68 14.90
CA ILE A 167 15.53 -3.67 15.18
C ILE A 167 15.18 -4.88 16.04
N ASN A 168 13.91 -4.97 16.42
CA ASN A 168 13.48 -6.04 17.31
C ASN A 168 12.62 -7.08 16.62
N GLN A 169 12.76 -7.20 15.29
CA GLN A 169 12.12 -8.26 14.52
C GLN A 169 13.09 -8.77 13.50
N HIS A 170 12.83 -9.96 12.98
CA HIS A 170 13.59 -10.48 11.86
C HIS A 170 12.71 -11.41 11.00
N ALA A 171 13.13 -11.58 9.77
CA ALA A 171 12.43 -12.48 8.87
C ALA A 171 12.53 -13.91 9.39
N ILE A 172 11.48 -14.70 9.15
CA ILE A 172 11.47 -16.11 9.51
C ILE A 172 11.37 -16.96 8.23
N LYS A 173 12.38 -17.80 8.02
CA LYS A 173 12.43 -18.65 6.83
C LYS A 173 11.33 -19.67 6.87
N TRP A 174 10.85 -20.08 5.71
CA TRP A 174 9.76 -21.07 5.61
C TRP A 174 10.22 -22.47 5.99
N ASN A 175 9.47 -23.14 6.86
CA ASN A 175 9.49 -24.60 6.93
C ASN A 175 8.83 -25.11 5.62
N GLU A 176 9.36 -26.21 5.07
N GLU A 176 9.45 -26.08 4.96
CA GLU A 176 8.92 -26.79 3.78
CA GLU A 176 9.07 -26.42 3.58
C GLU A 176 7.44 -27.25 3.79
C GLU A 176 7.64 -26.98 3.53
N GLU A 177 7.02 -28.05 4.78
N GLU A 177 7.27 -27.77 4.57
CA GLU A 177 5.63 -28.49 4.80
CA GLU A 177 5.91 -28.35 4.68
C GLU A 177 4.66 -27.36 5.05
C GLU A 177 4.81 -27.30 4.93
N GLU A 178 5.09 -26.38 5.85
CA GLU A 178 4.23 -25.21 6.10
C GLU A 178 4.04 -24.36 4.85
N LEU A 179 5.12 -24.19 4.10
CA LEU A 179 5.06 -23.45 2.83
C LEU A 179 4.07 -24.12 1.87
N LYS A 180 4.20 -25.43 1.74
CA LYS A 180 3.27 -26.18 0.87
C LYS A 180 1.81 -26.01 1.32
N ALA A 181 1.54 -26.10 2.61
CA ALA A 181 0.19 -25.94 3.15
C ALA A 181 -0.37 -24.52 2.88
N CYS A 182 0.45 -23.53 3.17
N CYS A 182 0.50 -23.53 2.99
CA CYS A 182 0.04 -22.12 3.01
CA CYS A 182 0.14 -22.16 2.63
C CYS A 182 -0.30 -21.82 1.55
C CYS A 182 -0.05 -21.91 1.15
N LEU A 183 0.59 -22.27 0.67
N LEU A 183 0.83 -22.46 0.32
CA LEU A 183 0.45 -22.14 -0.80
CA LEU A 183 0.66 -22.30 -1.08
C LEU A 183 -0.86 -22.75 -1.29
C LEU A 183 -0.73 -22.84 -1.46
N ALA A 184 -1.09 -24.00 -0.91
CA ALA A 184 -2.31 -24.70 -1.32
C ALA A 184 -3.55 -23.92 -0.88
N PHE A 186 -3.81 -20.60 -0.11
CA PHE A 186 -3.92 -19.34 -0.86
C PHE A 186 -4.50 -19.61 -2.26
N LYS A 187 -4.02 -20.65 -2.93
CA LYS A 187 -4.55 -21.01 -4.26
C LYS A 187 -6.05 -21.33 -4.22
N LEU A 188 -6.45 -22.14 -3.25
CA LEU A 188 -7.84 -22.51 -3.12
C LEU A 188 -8.74 -21.31 -2.81
N LYS A 189 -8.33 -20.48 -1.84
CA LYS A 189 -9.16 -19.34 -1.48
C LYS A 189 -9.27 -18.36 -2.67
N LEU A 190 -8.19 -18.18 -3.41
CA LEU A 190 -8.22 -17.32 -4.58
C LEU A 190 -9.12 -17.90 -5.66
N ALA A 191 -8.99 -19.21 -5.91
CA ALA A 191 -9.79 -19.86 -6.94
C ALA A 191 -11.27 -19.79 -6.57
N GLU A 192 -11.59 -19.98 -5.28
CA GLU A 192 -12.98 -19.83 -4.81
C GLU A 192 -13.49 -18.42 -5.03
N TYR A 193 -12.65 -17.46 -4.67
CA TYR A 193 -13.05 -16.05 -4.76
C TYR A 193 -13.36 -15.66 -6.19
N VAL A 194 -12.53 -16.11 -7.12
CA VAL A 194 -12.73 -15.80 -8.54
C VAL A 194 -14.07 -16.31 -9.12
N ASN A 195 -14.58 -17.39 -8.50
N ASN A 195 -14.64 -17.37 -8.55
CA ASN A 195 -15.89 -17.98 -8.81
CA ASN A 195 -15.98 -17.81 -8.98
C ASN A 195 -17.09 -17.28 -8.12
C ASN A 195 -17.13 -17.12 -8.25
N SER A 196 -16.86 -16.27 -7.27
CA SER A 196 -17.93 -15.61 -6.51
C SER A 196 -18.64 -14.48 -7.29
N PRO A 197 -19.91 -14.17 -6.94
CA PRO A 197 -20.59 -13.00 -7.51
C PRO A 197 -19.85 -11.69 -7.22
N GLU A 198 -19.28 -11.55 -6.03
CA GLU A 198 -18.55 -10.33 -5.66
C GLU A 198 -17.42 -10.05 -6.63
N PHE A 199 -16.66 -11.09 -6.99
CA PHE A 199 -15.57 -10.96 -7.97
C PHE A 199 -16.11 -10.48 -9.32
N THR A 200 -17.14 -11.15 -9.81
CA THR A 200 -17.72 -10.80 -11.11
C THR A 200 -18.22 -9.36 -11.10
N GLU A 201 -18.96 -8.97 -10.08
CA GLU A 201 -19.51 -7.61 -10.03
C GLU A 201 -18.47 -6.53 -9.92
N GLU A 202 -17.38 -6.79 -9.21
CA GLU A 202 -16.40 -5.76 -9.01
C GLU A 202 -15.38 -5.71 -10.13
N PHE A 203 -14.89 -6.87 -10.57
CA PHE A 203 -13.81 -6.92 -11.53
C PHE A 203 -14.33 -7.24 -12.95
N GLY A 204 -15.52 -7.83 -13.06
CA GLY A 204 -16.06 -8.24 -14.35
C GLY A 204 -15.03 -9.10 -15.03
N ASP A 205 -14.54 -8.61 -16.15
CA ASP A 205 -13.65 -9.32 -17.04
C ASP A 205 -12.24 -8.73 -16.98
N THR A 206 -12.05 -7.67 -16.19
CA THR A 206 -10.83 -6.86 -16.22
C THR A 206 -9.62 -7.57 -15.60
N LEU A 207 -9.87 -8.52 -14.70
CA LEU A 207 -8.81 -9.37 -14.15
C LEU A 207 -8.99 -10.81 -14.57
N LYS A 208 -7.95 -11.41 -15.16
CA LYS A 208 -7.92 -12.84 -15.45
C LYS A 208 -6.84 -13.49 -14.60
N VAL A 209 -7.25 -14.49 -13.82
CA VAL A 209 -6.40 -15.15 -12.86
C VAL A 209 -6.08 -16.55 -13.38
N THR A 210 -4.80 -16.91 -13.42
CA THR A 210 -4.36 -18.27 -13.68
C THR A 210 -3.53 -18.78 -12.47
N ILE A 211 -4.07 -19.76 -11.75
CA ILE A 211 -3.39 -20.38 -10.62
C ILE A 211 -2.18 -21.13 -11.13
N HIS A 212 -1.05 -21.02 -10.45
CA HIS A 212 0.17 -21.71 -10.83
C HIS A 212 0.11 -23.19 -10.41
N ASP A 213 0.18 -24.12 -11.36
CA ASP A 213 0.29 -25.54 -11.02
C ASP A 213 1.72 -25.87 -10.54
N LYS A 214 1.82 -26.48 -9.37
CA LYS A 214 3.12 -26.95 -8.85
C LYS A 214 3.84 -27.89 -9.85
N LYS A 215 5.16 -27.72 -9.96
CA LYS A 215 5.98 -28.46 -10.94
C LYS A 215 6.96 -29.38 -10.19
N GLY B 1 -15.48 -15.88 17.44
CA GLY B 1 -15.37 -14.38 17.46
C GLY B 1 -13.99 -13.88 17.88
N LYS B 2 -12.97 -14.28 17.10
CA LYS B 2 -11.57 -13.93 17.37
C LYS B 2 -11.13 -12.52 16.93
N LYS B 3 -11.82 -11.98 15.95
CA LYS B 3 -11.68 -10.59 15.54
C LYS B 3 -12.99 -9.91 15.99
N GLU B 4 -12.89 -8.88 16.83
CA GLU B 4 -14.04 -8.12 17.32
C GLU B 4 -13.96 -6.66 16.89
N PHE B 5 -15.12 -6.06 16.64
CA PHE B 5 -15.22 -4.65 16.27
C PHE B 5 -15.84 -3.85 17.40
N LEU B 6 -15.22 -2.74 17.75
CA LEU B 6 -15.74 -1.92 18.83
C LEU B 6 -17.14 -1.37 18.49
N LYS B 7 -18.06 -1.48 19.45
CA LYS B 7 -19.37 -0.81 19.39
C LYS B 7 -19.24 0.47 20.21
N HIS B 8 -19.30 1.62 19.54
CA HIS B 8 -19.02 2.90 20.19
C HIS B 8 -19.52 4.08 19.37
N GLU B 9 -20.02 5.10 20.09
CA GLU B 9 -20.54 6.32 19.51
C GLU B 9 -19.45 7.40 19.63
N TYR B 10 -19.10 8.03 18.51
CA TYR B 10 -18.10 9.10 18.48
C TYR B 10 -18.83 10.44 18.40
N SER B 11 -18.24 11.49 18.99
CA SER B 11 -18.81 12.86 18.91
C SER B 11 -18.91 13.33 17.46
N PRO B 12 -19.95 14.11 17.12
CA PRO B 12 -19.99 14.67 15.75
C PRO B 12 -18.79 15.60 15.43
N GLY B 13 -18.28 16.31 16.45
CA GLY B 13 -17.09 17.15 16.33
C GLY B 13 -15.74 16.46 16.49
N HIS B 14 -15.74 15.13 16.64
CA HIS B 14 -14.51 14.33 16.67
C HIS B 14 -13.75 14.47 15.33
N TRP B 15 -12.43 14.50 15.39
CA TRP B 15 -11.56 14.75 14.20
C TRP B 15 -11.79 13.81 13.00
N SER B 16 -12.17 12.56 13.29
CA SER B 16 -12.54 11.57 12.26
C SER B 16 -13.77 11.95 11.44
N ILE B 17 -14.73 12.66 12.04
CA ILE B 17 -15.95 13.13 11.35
C ILE B 17 -15.70 14.51 10.76
N ASP B 18 -15.22 15.44 11.57
CA ASP B 18 -14.86 16.80 11.13
C ASP B 18 -13.38 16.80 10.62
N TYR B 19 -13.17 16.11 9.49
CA TYR B 19 -11.83 15.85 8.92
C TYR B 19 -11.07 17.07 8.34
N THR B 20 -11.82 18.09 7.87
CA THR B 20 -11.21 19.30 7.27
C THR B 20 -10.66 20.29 8.30
N ARG B 21 -11.07 20.18 9.57
CA ARG B 21 -10.72 21.16 10.64
C ARG B 21 -9.21 21.37 10.84
N ALA B 22 -8.44 20.29 10.74
CA ALA B 22 -6.95 20.37 10.78
C ALA B 22 -6.39 21.31 9.69
N GLY B 23 -7.16 21.53 8.62
CA GLY B 23 -6.85 22.54 7.61
C GLY B 23 -5.84 21.99 6.64
N THR B 24 -5.92 20.70 6.32
CA THR B 24 -4.92 20.08 5.45
C THR B 24 -5.58 19.37 4.24
N SER B 25 -6.83 19.70 3.95
CA SER B 25 -7.57 19.00 2.92
C SER B 25 -7.06 19.35 1.52
N ILE B 26 -6.76 18.33 0.71
CA ILE B 26 -6.42 18.55 -0.71
C ILE B 26 -7.66 18.45 -1.59
N ALA B 27 -8.41 17.36 -1.46
CA ALA B 27 -9.54 17.09 -2.36
C ALA B 27 -10.44 16.02 -1.77
N VAL B 28 -11.66 15.97 -2.30
CA VAL B 28 -12.55 14.84 -2.14
C VAL B 28 -12.68 14.19 -3.54
N ILE B 29 -12.59 12.87 -3.59
CA ILE B 29 -12.62 12.14 -4.84
C ILE B 29 -13.69 11.06 -4.72
N THR B 30 -14.58 11.01 -5.73
CA THR B 30 -15.66 10.02 -5.76
C THR B 30 -15.38 8.98 -6.84
N VAL B 31 -15.53 7.71 -6.46
CA VAL B 31 -15.23 6.60 -7.34
C VAL B 31 -16.54 5.96 -7.82
N ARG B 32 -16.69 5.84 -9.14
CA ARG B 32 -17.85 5.15 -9.77
C ARG B 32 -19.18 5.71 -9.27
N ASN B 33 -19.23 7.02 -9.09
CA ASN B 33 -20.42 7.74 -8.66
C ASN B 33 -21.01 7.36 -7.32
N LYS B 34 -20.22 6.72 -6.46
CA LYS B 34 -20.78 6.09 -5.27
C LYS B 34 -19.90 6.20 -4.01
N TYR B 35 -18.61 5.93 -4.14
CA TYR B 35 -17.71 5.83 -2.99
C TYR B 35 -16.88 7.09 -2.85
N HIS B 36 -16.98 7.73 -1.68
CA HIS B 36 -16.38 9.06 -1.46
C HIS B 36 -15.13 8.91 -0.61
N TYR B 37 -14.01 9.52 -1.06
CA TYR B 37 -12.73 9.48 -0.34
C TYR B 37 -12.18 10.88 -0.14
N SER B 38 -11.50 11.09 0.98
N SER B 38 -11.44 11.06 0.96
CA SER B 38 -10.78 12.34 1.23
CA SER B 38 -10.78 12.32 1.31
C SER B 38 -9.28 12.11 1.02
C SER B 38 -9.27 12.16 1.17
N VAL B 39 -8.61 13.15 0.56
CA VAL B 39 -7.16 13.17 0.46
C VAL B 39 -6.70 14.43 1.22
N ILE B 40 -5.91 14.25 2.26
CA ILE B 40 -5.43 15.34 3.11
C ILE B 40 -3.93 15.18 3.32
N LEU B 41 -3.22 16.28 3.59
CA LEU B 41 -1.87 16.15 4.13
C LEU B 41 -1.99 15.68 5.58
N ASN B 42 -1.10 14.79 5.99
CA ASN B 42 -1.14 14.27 7.35
C ASN B 42 -0.93 15.44 8.33
N PRO B 43 -1.91 15.71 9.19
CA PRO B 43 -1.79 16.89 10.04
C PRO B 43 -0.70 16.81 11.09
N THR B 44 -0.19 15.62 11.42
CA THR B 44 0.82 15.50 12.47
C THR B 44 2.24 15.14 12.00
N ASP B 45 2.44 14.85 10.73
CA ASP B 45 3.74 14.47 10.24
C ASP B 45 3.95 14.97 8.81
N CYS B 46 4.84 15.93 8.66
CA CYS B 46 5.17 16.51 7.37
C CYS B 46 6.25 15.78 6.58
N ARG B 47 6.90 14.79 7.21
CA ARG B 47 8.03 14.10 6.56
C ARG B 47 7.51 13.41 5.30
N GLY B 48 8.31 13.49 4.24
CA GLY B 48 7.92 12.90 2.97
C GLY B 48 6.67 13.46 2.31
N TYR B 49 6.20 14.63 2.77
CA TYR B 49 4.92 15.20 2.38
C TYR B 49 3.80 14.15 2.47
N ARG B 50 3.76 13.43 3.60
CA ARG B 50 2.73 12.39 3.82
C ARG B 50 1.31 12.89 3.57
N ILE B 51 0.55 12.07 2.86
CA ILE B 51 -0.89 12.23 2.78
C ILE B 51 -1.59 11.04 3.42
N ILE B 52 -2.86 11.27 3.74
CA ILE B 52 -3.80 10.23 4.15
C ILE B 52 -4.93 10.21 3.14
N ILE B 53 -5.22 9.03 2.62
CA ILE B 53 -6.36 8.80 1.75
C ILE B 53 -7.33 7.97 2.55
N ARG B 54 -8.53 8.50 2.74
CA ARG B 54 -9.49 7.94 3.67
C ARG B 54 -10.85 7.76 3.01
N TYR B 55 -11.47 6.63 3.31
CA TYR B 55 -12.81 6.34 2.84
C TYR B 55 -13.79 7.03 3.78
N LEU B 56 -14.61 7.92 3.23
CA LEU B 56 -15.61 8.66 4.00
C LEU B 56 -16.93 7.89 4.15
N ASN B 57 -17.53 7.57 3.02
CA ASN B 57 -18.85 6.92 3.00
C ASN B 57 -19.25 6.58 1.56
N GLU B 58 -20.34 5.82 1.46
CA GLU B 58 -20.95 5.44 0.21
C GLU B 58 -22.30 6.17 0.10
N GLY B 59 -22.64 6.63 -1.10
CA GLY B 59 -23.94 7.32 -1.36
C GLY B 59 -24.24 8.38 -0.31
N ASP B 60 -25.33 8.17 0.43
CA ASP B 60 -25.73 9.07 1.54
C ASP B 60 -25.58 8.48 2.93
N SER B 61 -24.79 7.41 3.09
CA SER B 61 -24.56 6.83 4.44
C SER B 61 -23.79 7.83 5.30
N THR B 62 -23.89 7.69 6.62
CA THR B 62 -23.14 8.56 7.53
C THR B 62 -21.65 8.16 7.50
N LEU B 63 -20.79 9.10 7.90
CA LEU B 63 -19.35 8.79 8.08
C LEU B 63 -19.19 7.70 9.14
N SER B 64 -19.98 7.77 10.21
CA SER B 64 -19.92 6.78 11.31
C SER B 64 -20.26 5.36 10.90
N SER B 65 -21.16 5.20 9.93
CA SER B 65 -21.49 3.87 9.41
C SER B 65 -20.28 3.21 8.71
N ALA B 66 -19.25 3.97 8.35
CA ALA B 66 -18.03 3.41 7.76
C ALA B 66 -16.88 3.24 8.78
N PHE B 67 -17.18 3.29 10.08
CA PHE B 67 -16.23 2.99 11.16
C PHE B 67 -16.43 1.57 11.67
N ASN B 68 -15.33 0.97 12.14
CA ASN B 68 -15.37 -0.26 12.92
C ASN B 68 -16.23 -1.37 12.33
N ARG B 69 -15.95 -1.70 11.08
CA ARG B 69 -16.59 -2.80 10.41
C ARG B 69 -15.72 -3.35 9.30
N PRO B 70 -16.05 -4.55 8.78
CA PRO B 70 -15.39 -5.01 7.56
C PRO B 70 -15.70 -4.09 6.38
N TYR B 71 -14.73 -3.95 5.49
CA TYR B 71 -14.91 -3.20 4.24
C TYR B 71 -15.10 -4.16 3.09
N THR B 72 -15.97 -3.78 2.18
CA THR B 72 -16.24 -4.58 0.99
C THR B 72 -15.11 -4.44 -0.01
N VAL B 73 -15.06 -5.35 -0.97
CA VAL B 73 -14.06 -5.26 -2.04
C VAL B 73 -14.20 -3.95 -2.84
N SER B 74 -15.44 -3.49 -3.07
CA SER B 74 -15.65 -2.24 -3.77
C SER B 74 -15.03 -1.06 -3.01
N GLU B 75 -15.20 -1.04 -1.69
CA GLU B 75 -14.62 0.01 -0.86
C GLU B 75 -13.11 0.01 -0.90
N GLN B 76 -12.53 -1.17 -0.74
CA GLN B 76 -11.06 -1.34 -0.88
C GLN B 76 -10.53 -0.96 -2.26
N ARG B 77 -11.23 -1.41 -3.31
CA ARG B 77 -10.79 -1.13 -4.67
C ARG B 77 -10.81 0.37 -4.99
N GLY B 78 -11.83 1.07 -4.52
CA GLY B 78 -11.92 2.50 -4.68
C GLY B 78 -10.80 3.23 -3.95
N LEU B 79 -10.46 2.79 -2.73
CA LEU B 79 -9.31 3.38 -2.01
C LEU B 79 -8.06 3.24 -2.84
N ASN B 80 -7.84 2.04 -3.37
CA ASN B 80 -6.64 1.77 -4.14
C ASN B 80 -6.61 2.51 -5.48
N ASP B 81 -7.79 2.79 -6.07
CA ASP B 81 -7.86 3.60 -7.31
C ASP B 81 -7.44 5.04 -7.01
N VAL B 82 -7.95 5.60 -5.92
CA VAL B 82 -7.60 6.97 -5.51
C VAL B 82 -6.07 7.02 -5.23
N ALA B 83 -5.55 5.98 -4.58
CA ALA B 83 -4.10 5.85 -4.40
C ALA B 83 -3.34 5.86 -5.71
N SER B 84 -3.79 5.07 -6.67
CA SER B 84 -3.15 5.07 -8.01
C SER B 84 -3.09 6.46 -8.61
N LEU B 85 -4.17 7.21 -8.50
CA LEU B 85 -4.18 8.62 -8.95
C LEU B 85 -3.17 9.46 -8.20
N THR B 87 -0.48 8.67 -6.69
CA THR B 87 0.93 8.38 -6.99
C THR B 87 1.53 9.32 -8.05
N GLN B 88 0.68 9.78 -8.97
CA GLN B 88 1.14 10.65 -10.07
C GLN B 88 1.55 12.03 -9.61
N VAL B 89 0.99 12.51 -8.51
CA VAL B 89 1.44 13.76 -7.90
C VAL B 89 2.87 13.64 -7.39
N TYR B 90 3.15 12.57 -6.65
CA TYR B 90 4.52 12.32 -6.20
C TYR B 90 5.49 12.16 -7.38
N GLU B 91 5.05 11.45 -8.42
CA GLU B 91 5.89 11.25 -9.62
C GLU B 91 6.25 12.58 -10.25
N LYS B 92 5.25 13.43 -10.43
N LYS B 92 5.27 13.44 -10.41
CA LYS B 92 5.43 14.77 -11.01
CA LYS B 92 5.49 14.74 -11.07
C LYS B 92 6.42 15.63 -10.24
C LYS B 92 6.25 15.76 -10.20
N LEU B 93 6.42 15.47 -8.91
CA LEU B 93 7.35 16.22 -8.04
C LEU B 93 8.77 15.65 -8.05
N GLY B 94 9.00 14.55 -8.76
CA GLY B 94 10.31 13.88 -8.85
C GLY B 94 10.61 12.98 -7.67
N LEU B 95 9.59 12.52 -6.98
CA LEU B 95 9.75 11.72 -5.78
C LEU B 95 9.52 10.22 -6.07
N ILE B 96 10.20 9.37 -5.33
CA ILE B 96 9.85 7.94 -5.27
C ILE B 96 8.58 7.83 -4.44
N VAL B 97 7.56 7.13 -4.93
CA VAL B 97 6.34 6.98 -4.14
C VAL B 97 6.38 5.72 -3.27
N GLN B 98 5.91 5.85 -2.04
CA GLN B 98 5.73 4.72 -1.16
C GLN B 98 4.34 4.85 -0.54
N PHE B 99 3.72 3.75 -0.16
CA PHE B 99 2.44 3.80 0.52
C PHE B 99 2.18 2.56 1.36
N SER B 100 1.37 2.73 2.41
CA SER B 100 1.00 1.64 3.31
C SER B 100 -0.41 1.75 3.79
N GLN B 101 -1.11 0.62 3.75
CA GLN B 101 -2.39 0.46 4.45
C GLN B 101 -2.10 -0.37 5.69
N LEU B 102 -2.26 0.24 6.87
CA LEU B 102 -1.86 -0.39 8.14
C LEU B 102 -3.04 -0.46 9.10
N GLY B 103 -3.35 0.66 9.75
CA GLY B 103 -4.42 0.63 10.77
C GLY B 103 -3.96 0.24 12.17
N ASN B 104 -2.66 0.21 12.42
CA ASN B 104 -2.15 -0.26 13.71
C ASN B 104 -2.70 0.59 14.88
N ASN B 105 -2.90 1.88 14.63
CA ASN B 105 -3.29 2.76 15.72
C ASN B 105 -4.76 2.66 16.10
N SER B 106 -5.52 1.84 15.40
CA SER B 106 -6.87 1.53 15.77
C SER B 106 -7.09 0.01 15.94
N GLN B 107 -6.01 -0.74 16.17
CA GLN B 107 -6.07 -2.20 16.31
C GLN B 107 -5.37 -2.57 17.59
N SER B 108 -5.90 -3.53 18.36
CA SER B 108 -5.29 -3.91 19.61
C SER B 108 -5.50 -5.40 19.83
N PHE B 109 -4.80 -5.94 20.80
CA PHE B 109 -4.78 -7.38 21.02
C PHE B 109 -4.76 -7.70 22.51
N ASP B 110 -5.52 -8.68 22.92
CA ASP B 110 -5.51 -9.17 24.32
C ASP B 110 -4.98 -10.59 24.29
N LYS B 111 -3.74 -10.77 24.71
CA LYS B 111 -3.11 -12.07 24.62
C LYS B 111 -3.76 -13.09 25.54
N GLY B 112 -4.31 -12.65 26.67
CA GLY B 112 -4.97 -13.59 27.56
C GLY B 112 -6.18 -14.24 26.92
N THR B 113 -6.95 -13.48 26.13
CA THR B 113 -8.15 -13.99 25.45
C THR B 113 -7.95 -14.37 23.98
N GLY B 114 -6.85 -13.94 23.39
CA GLY B 114 -6.59 -14.20 21.97
C GLY B 114 -7.43 -13.37 21.01
N VAL B 115 -8.06 -12.31 21.51
CA VAL B 115 -8.99 -11.49 20.74
C VAL B 115 -8.27 -10.25 20.18
N THR B 116 -8.42 -10.04 18.87
CA THR B 116 -8.01 -8.84 18.15
C THR B 116 -9.19 -7.87 18.10
N LEU B 117 -9.01 -6.64 18.58
CA LEU B 117 -10.07 -5.65 18.65
C LEU B 117 -9.80 -4.56 17.62
N ILE B 118 -10.82 -4.27 16.80
CA ILE B 118 -10.74 -3.23 15.75
C ILE B 118 -11.56 -2.02 16.20
N GLY B 119 -10.88 -0.88 16.35
CA GLY B 119 -11.51 0.36 16.82
C GLY B 119 -11.20 0.60 18.29
N SER B 120 -11.09 1.88 18.66
CA SER B 120 -10.85 2.28 20.07
C SER B 120 -11.66 3.52 20.39
N GLU B 121 -11.65 3.88 21.68
CA GLU B 121 -12.31 5.12 22.18
C GLU B 121 -11.77 6.34 21.45
N GLU B 122 -10.44 6.46 21.49
CA GLU B 122 -9.72 7.61 20.92
C GLU B 122 -9.70 7.66 19.40
N GLU B 123 -9.76 6.49 18.74
CA GLU B 123 -9.64 6.45 17.28
C GLU B 123 -10.49 5.34 16.68
N PRO B 124 -11.56 5.70 15.91
CA PRO B 124 -12.26 4.66 15.17
C PRO B 124 -11.37 4.06 14.10
N SER B 125 -11.65 2.81 13.76
CA SER B 125 -11.03 2.16 12.63
C SER B 125 -11.74 2.66 11.39
N LEU B 127 -11.25 2.90 6.91
CA LEU B 127 -10.51 2.40 5.77
C LEU B 127 -9.64 3.55 5.26
N HIS B 128 -8.32 3.39 5.37
CA HIS B 128 -7.44 4.49 4.96
C HIS B 128 -6.05 4.01 4.70
N LEU B 129 -5.30 4.77 3.89
CA LEU B 129 -3.89 4.48 3.73
C LEU B 129 -3.02 5.73 3.69
N HIS B 130 -1.73 5.51 3.83
CA HIS B 130 -0.72 6.57 3.93
C HIS B 130 0.11 6.51 2.66
N TRP B 132 3.61 8.71 0.73
CA TRP B 132 4.64 9.70 0.92
C TRP B 132 5.68 9.57 -0.17
N GLY B 133 6.60 10.52 -0.20
CA GLY B 133 7.68 10.54 -1.15
C GLY B 133 9.07 10.34 -0.56
N ARG B 134 9.97 9.71 -1.32
CA ARG B 134 11.37 9.53 -0.93
C ARG B 134 12.31 10.22 -1.93
N GLY B 135 13.42 10.69 -1.39
CA GLY B 135 14.39 11.45 -2.16
C GLY B 135 15.39 12.06 -1.20
N ASP B 136 16.10 13.12 -1.63
CA ASP B 136 17.08 13.80 -0.77
C ASP B 136 16.30 14.52 0.35
N PRO B 137 16.51 14.12 1.62
CA PRO B 137 15.70 14.74 2.67
C PRO B 137 15.88 16.26 2.84
N ASP B 138 17.02 16.77 2.39
CA ASP B 138 17.31 18.20 2.47
C ASP B 138 16.82 19.01 1.27
N GLU B 140 14.33 20.82 -1.21
CA GLU B 140 12.99 21.40 -1.28
C GLU B 140 12.33 21.07 -2.62
N TYR B 141 11.81 19.84 -2.75
CA TYR B 141 11.06 19.43 -3.96
C TYR B 141 9.85 20.35 -4.22
N ILE B 142 9.29 20.88 -3.14
CA ILE B 142 8.37 22.01 -3.17
C ILE B 142 9.11 23.17 -2.52
N ALA B 143 9.23 24.31 -3.24
CA ALA B 143 10.02 25.42 -2.70
C ALA B 143 9.54 25.85 -1.29
N GLY B 144 10.50 26.03 -0.40
CA GLY B 144 10.23 26.38 0.99
C GLY B 144 9.96 25.21 1.91
N VAL B 145 9.96 23.97 1.39
CA VAL B 145 9.60 22.80 2.20
C VAL B 145 10.56 21.64 1.97
N PRO B 146 11.53 21.47 2.88
CA PRO B 146 12.42 20.32 2.72
C PRO B 146 11.61 19.00 2.82
N LEU B 147 11.98 17.99 2.04
CA LEU B 147 11.25 16.73 2.05
C LEU B 147 11.21 16.09 3.43
N ARG B 148 12.38 16.04 4.08
CA ARG B 148 12.59 15.34 5.34
C ARG B 148 12.34 13.82 5.18
N GLY B 149 12.36 13.08 6.28
CA GLY B 149 12.34 11.63 6.24
C GLY B 149 13.77 11.10 6.13
N PRO B 150 13.93 9.78 6.30
CA PRO B 150 15.24 9.17 6.21
C PRO B 150 15.74 9.07 4.77
N GLU B 151 17.06 8.98 4.59
CA GLU B 151 17.63 8.83 3.28
C GLU B 151 17.07 7.59 2.55
N PRO B 152 16.88 7.68 1.22
CA PRO B 152 16.49 6.50 0.42
C PRO B 152 17.36 5.29 0.68
N GLY B 153 16.72 4.13 0.73
CA GLY B 153 17.31 2.87 1.15
C GLY B 153 16.95 2.45 2.56
N LEU B 154 16.69 3.44 3.42
CA LEU B 154 16.24 3.16 4.80
C LEU B 154 14.72 3.09 4.91
N PHE B 156 11.18 4.02 6.10
CA PHE B 156 10.40 5.16 6.64
C PHE B 156 9.45 4.62 7.72
N ASP B 157 9.57 5.09 8.97
CA ASP B 157 8.75 4.61 10.06
C ASP B 157 7.53 5.55 10.16
N LEU B 158 6.34 5.02 9.89
CA LEU B 158 5.10 5.83 9.93
C LEU B 158 4.60 6.15 11.35
N ILE B 159 5.21 5.49 12.33
CA ILE B 159 4.97 5.68 13.75
C ILE B 159 3.71 4.88 14.17
N ALA B 160 3.91 3.91 15.02
CA ALA B 160 2.82 3.27 15.70
C ALA B 160 2.78 3.88 17.12
N LYS B 161 1.61 4.28 17.59
CA LYS B 161 1.43 4.72 19.01
C LYS B 161 1.92 3.66 19.99
N ASN B 162 1.61 2.40 19.71
CA ASN B 162 2.03 1.29 20.56
C ASN B 162 3.36 0.75 20.03
N LYS B 163 4.38 0.70 20.90
CA LYS B 163 5.71 0.19 20.53
C LYS B 163 6.28 -0.70 21.66
N THR B 164 6.93 -1.81 21.30
CA THR B 164 7.64 -2.65 22.30
C THR B 164 8.98 -2.04 22.74
N HIS B 165 9.61 -1.24 21.87
CA HIS B 165 10.88 -0.58 22.18
C HIS B 165 10.90 0.86 21.63
N PRO B 166 11.68 1.78 22.27
CA PRO B 166 11.80 3.13 21.69
C PRO B 166 12.48 3.15 20.32
N ILE B 167 12.06 4.09 19.48
CA ILE B 167 12.62 4.26 18.15
C ILE B 167 13.24 5.65 17.99
N ASN B 168 14.04 5.76 16.96
CA ASN B 168 14.76 6.98 16.72
C ASN B 168 13.90 7.93 15.85
N GLN B 169 13.15 7.45 14.83
CA GLN B 169 12.34 8.38 14.02
C GLN B 169 11.14 8.88 14.81
N HIS B 170 10.72 10.09 14.51
CA HIS B 170 9.51 10.63 15.08
C HIS B 170 8.84 11.55 14.08
N ALA B 171 7.55 11.73 14.27
CA ALA B 171 6.75 12.60 13.45
C ALA B 171 7.26 14.03 13.64
N ILE B 172 7.19 14.80 12.57
CA ILE B 172 7.55 16.22 12.61
C ILE B 172 6.29 17.03 12.30
N LYS B 173 5.84 17.83 13.27
CA LYS B 173 4.64 18.66 13.11
C LYS B 173 4.81 19.64 11.96
N TRP B 174 3.70 20.01 11.32
CA TRP B 174 3.72 21.02 10.26
C TRP B 174 3.99 22.43 10.78
N ASN B 175 4.99 23.08 10.21
CA ASN B 175 5.10 24.53 10.30
C ASN B 175 3.99 25.17 9.41
N GLU B 176 3.38 26.25 9.92
CA GLU B 176 2.23 26.93 9.27
C GLU B 176 2.51 27.35 7.83
N GLU B 177 3.64 28.03 7.64
CA GLU B 177 4.07 28.55 6.34
C GLU B 177 4.35 27.39 5.34
N GLU B 178 5.08 26.40 5.81
CA GLU B 178 5.40 25.22 5.00
C GLU B 178 4.14 24.46 4.59
N LEU B 179 3.20 24.30 5.51
CA LEU B 179 1.96 23.62 5.20
C LEU B 179 1.23 24.35 4.05
N LYS B 180 1.16 25.67 4.12
CA LYS B 180 0.48 26.40 3.04
C LYS B 180 1.12 26.12 1.66
N ALA B 181 2.44 26.10 1.60
CA ALA B 181 3.14 25.88 0.36
C ALA B 181 2.91 24.44 -0.17
N CYS B 182 3.03 23.47 0.73
N CYS B 182 2.80 23.48 0.74
CA CYS B 182 2.94 22.05 0.33
CA CYS B 182 2.48 22.10 0.35
C CYS B 182 1.53 21.74 -0.18
C CYS B 182 1.02 21.86 0.01
N LEU B 183 0.52 22.23 0.56
N LEU B 183 0.09 22.39 0.80
CA LEU B 183 -0.88 22.08 0.17
CA LEU B 183 -1.27 22.30 0.40
C LEU B 183 -1.16 22.71 -1.19
C LEU B 183 -1.42 22.83 -1.05
N ALA B 184 -0.75 23.96 -1.34
CA ALA B 184 -0.94 24.65 -2.65
C ALA B 184 -0.36 23.84 -3.79
N PHE B 186 0.33 20.53 -3.90
CA PHE B 186 -0.39 19.25 -4.11
C PHE B 186 -1.67 19.46 -4.89
N LYS B 187 -2.40 20.51 -4.54
CA LYS B 187 -3.61 20.88 -5.27
C LYS B 187 -3.31 21.23 -6.73
N LEU B 188 -2.27 22.04 -6.95
CA LEU B 188 -1.88 22.43 -8.30
C LEU B 188 -1.48 21.24 -9.19
N LYS B 189 -0.65 20.36 -8.66
CA LYS B 189 -0.21 19.19 -9.42
C LYS B 189 -1.38 18.25 -9.72
N LEU B 190 -2.27 18.09 -8.76
CA LEU B 190 -3.45 17.28 -8.97
C LEU B 190 -4.34 17.90 -10.04
N ALA B 191 -4.52 19.21 -9.97
CA ALA B 191 -5.35 19.91 -10.96
C ALA B 191 -4.78 19.79 -12.36
N GLU B 192 -3.48 19.95 -12.48
CA GLU B 192 -2.78 19.80 -13.76
C GLU B 192 -2.94 18.38 -14.34
N TYR B 193 -2.92 17.39 -13.46
CA TYR B 193 -3.07 16.00 -13.89
C TYR B 193 -4.51 15.63 -14.26
N VAL B 194 -5.46 16.05 -13.44
N VAL B 194 -5.49 16.02 -13.45
CA VAL B 194 -6.88 15.75 -13.62
CA VAL B 194 -6.88 15.62 -13.70
C VAL B 194 -7.44 16.29 -14.94
C VAL B 194 -7.35 16.16 -15.07
N ASN B 195 -7.93 15.35 -15.73
N ASN B 195 -6.73 17.26 -15.51
CA ASN B 195 -8.62 15.54 -17.00
CA ASN B 195 -7.02 17.81 -16.84
C ASN B 195 -7.65 15.84 -18.13
C ASN B 195 -6.16 17.31 -18.00
N SER B 196 -6.34 15.78 -17.83
N SER B 196 -5.27 16.34 -17.76
CA SER B 196 -5.30 15.83 -18.88
CA SER B 196 -4.43 15.81 -18.83
C SER B 196 -5.52 14.60 -19.74
C SER B 196 -5.11 14.65 -19.58
N PRO B 197 -4.79 14.48 -20.89
CA PRO B 197 -5.12 13.29 -21.71
C PRO B 197 -4.85 11.95 -21.04
N GLU B 198 -3.71 11.87 -20.35
N GLU B 198 -3.71 11.83 -20.34
CA GLU B 198 -3.29 10.66 -19.64
CA GLU B 198 -3.34 10.60 -19.65
C GLU B 198 -4.28 10.22 -18.54
C GLU B 198 -4.30 10.20 -18.53
N PHE B 199 -4.87 11.19 -17.84
CA PHE B 199 -5.88 10.91 -16.80
C PHE B 199 -7.17 10.38 -17.43
N THR B 200 -7.64 11.05 -18.48
CA THR B 200 -8.84 10.61 -19.17
C THR B 200 -8.66 9.20 -19.75
N GLU B 201 -7.50 8.93 -20.36
CA GLU B 201 -7.20 7.57 -20.88
C GLU B 201 -7.32 6.47 -19.84
N GLU B 202 -6.81 6.73 -18.63
CA GLU B 202 -6.74 5.72 -17.61
C GLU B 202 -8.00 5.62 -16.77
N PHE B 203 -8.52 6.77 -16.35
CA PHE B 203 -9.62 6.79 -15.40
C PHE B 203 -10.98 7.06 -16.07
N GLY B 204 -10.96 7.56 -17.31
CA GLY B 204 -12.19 7.91 -18.01
C GLY B 204 -13.04 8.79 -17.12
N ASP B 205 -14.22 8.27 -16.79
CA ASP B 205 -15.25 8.93 -16.01
C ASP B 205 -15.30 8.39 -14.55
N THR B 206 -14.47 7.36 -14.26
CA THR B 206 -14.43 6.59 -13.02
C THR B 206 -14.25 7.45 -11.77
N LEU B 207 -13.34 8.43 -11.85
CA LEU B 207 -12.98 9.30 -10.71
C LEU B 207 -13.45 10.72 -10.95
N LYS B 208 -14.21 11.28 -10.00
CA LYS B 208 -14.57 12.71 -9.98
C LYS B 208 -13.85 13.41 -8.83
N VAL B 209 -13.04 14.40 -9.17
CA VAL B 209 -12.18 15.12 -8.22
C VAL B 209 -12.71 16.53 -7.92
N THR B 210 -12.93 16.85 -6.64
CA THR B 210 -13.23 18.22 -6.17
C THR B 210 -12.10 18.72 -5.29
N ILE B 211 -11.29 19.61 -5.83
CA ILE B 211 -10.18 20.25 -5.08
C ILE B 211 -10.72 21.25 -4.07
N HIS B 212 -10.21 21.22 -2.85
CA HIS B 212 -10.75 22.02 -1.75
C HIS B 212 -10.10 23.42 -1.71
N ASP B 213 -10.90 24.48 -1.66
CA ASP B 213 -10.39 25.84 -1.41
C ASP B 213 -10.73 26.27 0.01
N LYS B 214 -9.76 26.91 0.68
CA LYS B 214 -10.00 27.46 2.02
C LYS B 214 -11.02 28.61 1.94
N LYS B 215 -11.92 28.67 2.91
CA LYS B 215 -12.86 29.80 3.09
C LYS B 215 -12.76 30.37 4.52
#